data_7BX7
#
_entry.id   7BX7
#
_cell.length_a   1.00
_cell.length_b   1.00
_cell.length_c   1.00
_cell.angle_alpha   90.00
_cell.angle_beta   90.00
_cell.angle_gamma   90.00
#
_symmetry.space_group_name_H-M   'P 1'
#
_entity_poly.entity_id   1
_entity_poly.type   'polypeptide(L)'
_entity_poly.pdbx_seq_one_letter_code
;MASASSSQRGRSGSGNFGGGRGGGFGGNDNFGRGGNFSGRGGFGGSRGGGGYGGSGDGYNGFGNDGSNFGGGGSYNDFGN
YNNQSSNFGPMKGGNFGGRSSGPYGGGGQYFAKPRNQGGYGGSSSSSSYGSGRRF
;
_entity_poly.pdbx_strand_id   A,B,C,D,E,F
#
# COMPACT_ATOMS: atom_id res chain seq x y z
N GLY A 66 -32.73 5.91 -7.26
CA GLY A 66 -32.72 5.62 -8.69
C GLY A 66 -31.41 5.98 -9.34
N SER A 67 -30.33 5.78 -8.61
CA SER A 67 -29.00 6.20 -9.06
C SER A 67 -28.47 5.26 -10.14
N ASN A 68 -27.53 5.79 -10.91
CA ASN A 68 -26.92 5.08 -12.04
C ASN A 68 -25.44 5.01 -11.75
N PHE A 69 -25.00 3.91 -11.17
CA PHE A 69 -23.58 3.72 -10.86
C PHE A 69 -22.89 3.15 -12.09
N GLY A 70 -22.36 4.04 -12.93
CA GLY A 70 -21.61 3.62 -14.09
C GLY A 70 -22.39 2.77 -15.07
N GLY A 71 -23.64 3.10 -15.31
CA GLY A 71 -24.45 2.37 -16.26
C GLY A 71 -24.38 2.98 -17.64
N GLY A 72 -24.88 2.22 -18.62
CA GLY A 72 -24.83 2.68 -19.98
C GLY A 72 -23.68 2.07 -20.73
N GLY A 73 -22.79 2.91 -21.26
CA GLY A 73 -21.64 2.41 -21.97
C GLY A 73 -20.37 2.63 -21.21
N SER A 74 -20.49 2.71 -19.88
CA SER A 74 -19.33 2.96 -19.05
C SER A 74 -18.34 1.81 -19.14
N TYR A 75 -17.06 2.17 -19.11
CA TYR A 75 -15.98 1.20 -18.96
C TYR A 75 -15.55 1.30 -17.50
N ASN A 76 -16.08 0.44 -16.66
CA ASN A 76 -15.79 0.46 -15.24
C ASN A 76 -14.74 -0.60 -14.93
N ASP A 77 -13.54 -0.16 -14.61
CA ASP A 77 -12.41 -1.03 -14.37
C ASP A 77 -11.88 -0.70 -12.98
N PHE A 78 -12.17 -1.55 -12.01
CA PHE A 78 -11.70 -1.27 -10.66
C PHE A 78 -11.47 -2.60 -9.96
N GLY A 79 -10.28 -3.15 -10.14
CA GLY A 79 -9.91 -4.40 -9.51
C GLY A 79 -8.87 -4.15 -8.45
N ASN A 80 -8.52 -5.20 -7.75
CA ASN A 80 -7.48 -5.15 -6.74
C ASN A 80 -6.33 -6.02 -7.22
N TYR A 81 -5.19 -5.41 -7.44
CA TYR A 81 -4.01 -6.08 -7.93
C TYR A 81 -2.95 -6.01 -6.86
N ASN A 82 -2.48 -7.16 -6.40
CA ASN A 82 -1.54 -7.24 -5.30
C ASN A 82 -0.30 -8.00 -5.75
N ASN A 83 0.86 -7.47 -5.37
CA ASN A 83 2.12 -8.16 -5.60
C ASN A 83 2.95 -8.12 -4.33
N GLN A 84 3.34 -9.28 -3.85
CA GLN A 84 4.09 -9.37 -2.60
C GLN A 84 5.25 -10.33 -2.76
N SER A 85 6.41 -9.92 -2.25
CA SER A 85 7.59 -10.77 -2.27
C SER A 85 8.33 -10.58 -0.96
N SER A 86 8.37 -11.63 -0.15
CA SER A 86 9.15 -11.62 1.07
C SER A 86 10.35 -12.53 0.90
N ASN A 87 11.46 -12.17 1.54
CA ASN A 87 12.68 -12.91 1.29
C ASN A 87 13.63 -12.77 2.47
N PHE A 88 14.29 -13.86 2.83
CA PHE A 88 15.30 -13.88 3.88
C PHE A 88 16.61 -14.19 3.19
N GLY A 89 17.48 -13.19 3.08
CA GLY A 89 18.78 -13.45 2.52
C GLY A 89 19.18 -12.44 1.47
N PRO A 90 20.22 -12.76 0.70
CA PRO A 90 20.72 -11.82 -0.31
C PRO A 90 19.75 -11.72 -1.47
N MET A 91 19.21 -10.52 -1.66
CA MET A 91 18.21 -10.27 -2.69
C MET A 91 18.86 -9.40 -3.77
N LYS A 92 19.10 -9.98 -4.93
CA LYS A 92 19.63 -9.25 -6.07
C LYS A 92 18.68 -9.21 -7.24
N GLY A 93 17.63 -10.01 -7.24
CA GLY A 93 16.72 -10.09 -8.37
C GLY A 93 15.79 -8.92 -8.48
N GLY A 94 14.55 -9.21 -8.80
CA GLY A 94 13.55 -8.17 -8.99
C GLY A 94 12.17 -8.63 -8.57
N ASN A 95 11.40 -7.69 -8.02
CA ASN A 95 9.99 -7.90 -7.72
C ASN A 95 9.23 -6.79 -8.44
N PHE A 96 8.30 -7.18 -9.30
CA PHE A 96 7.72 -6.26 -10.28
C PHE A 96 6.23 -6.13 -10.06
N GLY A 97 5.79 -4.92 -9.70
CA GLY A 97 4.40 -4.61 -9.53
C GLY A 97 4.08 -3.24 -10.10
N GLY A 98 2.89 -2.76 -9.80
CA GLY A 98 2.40 -1.53 -10.40
C GLY A 98 1.64 -1.83 -11.67
N ARG A 99 0.94 -0.82 -12.18
CA ARG A 99 0.03 -1.13 -13.26
C ARG A 99 0.78 -1.28 -14.58
N SER A 100 1.59 -0.28 -14.94
CA SER A 100 2.44 -0.36 -16.12
C SER A 100 1.62 -0.53 -17.40
N SER A 101 0.89 0.52 -17.75
CA SER A 101 -0.03 0.47 -18.88
C SER A 101 0.58 0.98 -20.17
N GLY A 102 1.88 0.77 -20.38
CA GLY A 102 2.55 1.25 -21.56
C GLY A 102 3.45 0.23 -22.21
N PRO A 103 3.88 0.48 -23.44
CA PRO A 103 4.78 -0.45 -24.13
C PRO A 103 6.09 -0.60 -23.40
N TYR A 104 6.52 -1.84 -23.21
CA TYR A 104 7.70 -2.17 -22.42
C TYR A 104 7.59 -1.56 -21.03
N GLY A 105 6.37 -1.53 -20.51
CA GLY A 105 6.12 -0.90 -19.23
C GLY A 105 6.59 -1.74 -18.06
N GLY A 106 6.82 -1.06 -16.94
CA GLY A 106 7.35 -1.70 -15.76
C GLY A 106 8.84 -1.55 -15.69
N GLY A 107 9.34 -0.89 -14.64
CA GLY A 107 10.76 -0.71 -14.51
C GLY A 107 11.48 -2.04 -14.43
N GLY A 108 12.56 -2.19 -15.19
CA GLY A 108 13.31 -3.42 -15.14
C GLY A 108 14.79 -3.17 -15.26
N GLN A 109 15.47 -3.98 -16.06
CA GLN A 109 16.87 -3.73 -16.37
C GLN A 109 17.05 -3.06 -17.73
N TYR A 110 16.30 -3.50 -18.73
CA TYR A 110 16.37 -2.94 -20.08
C TYR A 110 17.79 -2.99 -20.63
N GLY B 66 -31.15 10.61 -7.37
CA GLY B 66 -31.11 10.30 -8.79
C GLY B 66 -29.78 10.63 -9.42
N SER B 67 -28.71 10.43 -8.65
CA SER B 67 -27.38 10.82 -9.07
C SER B 67 -26.83 9.87 -10.10
N ASN B 68 -25.87 10.37 -10.88
CA ASN B 68 -25.24 9.65 -11.97
C ASN B 68 -23.75 9.56 -11.65
N PHE B 69 -23.34 8.46 -11.03
CA PHE B 69 -21.93 8.28 -10.69
C PHE B 69 -21.21 7.68 -11.89
N GLY B 70 -20.66 8.55 -12.72
CA GLY B 70 -19.88 8.09 -13.85
C GLY B 70 -20.64 7.24 -14.84
N GLY B 71 -21.90 7.57 -15.12
CA GLY B 71 -22.68 6.83 -16.08
C GLY B 71 -22.57 7.41 -17.48
N GLY B 72 -23.05 6.65 -18.43
CA GLY B 72 -22.96 7.08 -19.81
C GLY B 72 -21.78 6.44 -20.52
N GLY B 73 -20.88 7.27 -21.04
CA GLY B 73 -19.72 6.75 -21.72
C GLY B 73 -18.46 6.96 -20.92
N SER B 74 -18.62 7.07 -19.60
CA SER B 74 -17.48 7.33 -18.74
C SER B 74 -16.49 6.17 -18.78
N TYR B 75 -15.22 6.50 -18.73
CA TYR B 75 -14.16 5.53 -18.53
C TYR B 75 -13.76 5.66 -17.07
N ASN B 76 -14.32 4.81 -16.23
CA ASN B 76 -14.06 4.86 -14.80
C ASN B 76 -13.05 3.79 -14.44
N ASP B 77 -11.84 4.24 -14.10
CA ASP B 77 -10.73 3.35 -13.82
C ASP B 77 -10.23 3.71 -12.42
N PHE B 78 -10.56 2.88 -11.44
CA PHE B 78 -10.11 3.18 -10.08
C PHE B 78 -9.91 1.85 -9.35
N GLY B 79 -8.72 1.28 -9.49
CA GLY B 79 -8.38 0.05 -8.83
C GLY B 79 -7.36 0.31 -7.74
N ASN B 80 -7.05 -0.74 -7.02
CA ASN B 80 -6.04 -0.67 -5.98
C ASN B 80 -4.89 -1.57 -6.41
N TYR B 81 -3.74 -0.96 -6.61
CA TYR B 81 -2.55 -1.67 -7.06
C TYR B 81 -1.52 -1.57 -5.96
N ASN B 82 -1.07 -2.72 -5.48
CA ASN B 82 -0.16 -2.80 -4.35
C ASN B 82 1.09 -3.57 -4.74
N ASN B 83 2.24 -3.05 -4.34
CA ASN B 83 3.50 -3.75 -4.55
C ASN B 83 4.29 -3.70 -3.25
N GLN B 84 4.67 -4.86 -2.74
CA GLN B 84 5.37 -4.93 -1.47
C GLN B 84 6.53 -5.90 -1.58
N SER B 85 7.68 -5.50 -1.05
CA SER B 85 8.85 -6.36 -1.02
C SER B 85 9.55 -6.16 0.31
N SER B 86 9.58 -7.19 1.13
CA SER B 86 10.32 -7.16 2.38
C SER B 86 11.52 -8.08 2.25
N ASN B 87 12.60 -7.73 2.92
CA ASN B 87 13.84 -8.48 2.71
C ASN B 87 14.76 -8.33 3.91
N PHE B 88 15.39 -9.42 4.31
CA PHE B 88 16.37 -9.42 5.39
C PHE B 88 17.70 -9.76 4.73
N GLY B 89 18.58 -8.79 4.63
CA GLY B 89 19.89 -9.06 4.10
C GLY B 89 20.32 -8.07 3.05
N PRO B 90 21.38 -8.41 2.32
CA PRO B 90 21.92 -7.49 1.31
C PRO B 90 20.98 -7.39 0.11
N MET B 91 20.45 -6.21 -0.11
CA MET B 91 19.49 -5.95 -1.17
C MET B 91 20.17 -5.12 -2.24
N LYS B 92 20.45 -5.74 -3.39
CA LYS B 92 21.01 -5.02 -4.52
C LYS B 92 20.08 -4.99 -5.73
N GLY B 93 19.02 -5.78 -5.73
CA GLY B 93 18.15 -5.88 -6.89
C GLY B 93 17.23 -4.69 -7.05
N GLY B 94 15.99 -4.97 -7.40
CA GLY B 94 15.01 -3.93 -7.62
C GLY B 94 13.62 -4.37 -7.25
N ASN B 95 12.84 -3.42 -6.71
CA ASN B 95 11.43 -3.60 -6.46
C ASN B 95 10.69 -2.51 -7.22
N PHE B 96 9.78 -2.89 -8.09
CA PHE B 96 9.25 -1.99 -9.10
C PHE B 96 7.74 -1.84 -8.92
N GLY B 97 7.31 -0.63 -8.60
CA GLY B 97 5.91 -0.30 -8.47
C GLY B 97 5.62 1.06 -9.07
N GLY B 98 4.43 1.56 -8.82
CA GLY B 98 3.98 2.78 -9.44
C GLY B 98 3.24 2.47 -10.73
N ARG B 99 2.57 3.47 -11.27
CA ARG B 99 1.67 3.15 -12.38
C ARG B 99 2.47 2.98 -13.67
N SER B 100 3.29 3.96 -14.02
CA SER B 100 4.17 3.84 -15.18
C SER B 100 3.38 3.67 -16.47
N SER B 101 2.67 4.71 -16.87
CA SER B 101 1.79 4.66 -18.02
C SER B 101 2.44 5.14 -19.31
N GLY B 102 3.73 4.92 -19.47
CA GLY B 102 4.43 5.37 -20.65
C GLY B 102 5.35 4.33 -21.25
N PRO B 103 5.81 4.55 -22.48
CA PRO B 103 6.71 3.60 -23.13
C PRO B 103 8.01 3.46 -22.36
N TYR B 104 8.42 2.21 -22.13
CA TYR B 104 9.57 1.88 -21.31
C TYR B 104 9.45 2.52 -19.92
N GLY B 105 8.21 2.57 -19.44
CA GLY B 105 7.92 3.23 -18.18
C GLY B 105 8.36 2.41 -16.99
N GLY B 106 8.57 3.10 -15.88
CA GLY B 106 9.05 2.48 -14.68
C GLY B 106 10.55 2.62 -14.57
N GLY B 107 11.02 3.28 -13.52
CA GLY B 107 12.45 3.44 -13.35
C GLY B 107 13.15 2.12 -13.23
N GLY B 108 14.24 1.95 -13.96
CA GLY B 108 14.98 0.71 -13.86
C GLY B 108 16.46 0.94 -13.96
N GLN B 109 17.16 0.11 -14.72
CA GLN B 109 18.57 0.34 -14.99
C GLN B 109 18.79 0.98 -16.36
N TYR B 110 18.06 0.55 -17.37
CA TYR B 110 18.18 1.08 -18.73
C TYR B 110 19.60 1.00 -19.24
N GLY C 66 -29.59 15.16 -7.45
CA GLY C 66 -29.51 14.85 -8.86
C GLY C 66 -28.15 15.17 -9.44
N SER C 67 -27.11 14.96 -8.64
CA SER C 67 -25.76 15.35 -9.00
C SER C 67 -25.18 14.38 -10.02
N ASN C 68 -24.19 14.87 -10.76
CA ASN C 68 -23.53 14.13 -11.84
C ASN C 68 -22.06 14.04 -11.45
N PHE C 69 -21.68 12.95 -10.82
CA PHE C 69 -20.28 12.75 -10.42
C PHE C 69 -19.53 12.14 -11.59
N GLY C 70 -18.94 13.00 -12.42
CA GLY C 70 -18.12 12.54 -13.52
C GLY C 70 -18.85 11.67 -14.52
N GLY C 71 -20.09 12.03 -14.85
CA GLY C 71 -20.84 11.29 -15.84
C GLY C 71 -20.69 11.86 -17.22
N GLY C 72 -21.13 11.09 -18.20
CA GLY C 72 -21.00 11.51 -19.58
C GLY C 72 -19.80 10.87 -20.24
N GLY C 73 -18.87 11.68 -20.73
CA GLY C 73 -17.70 11.14 -21.36
C GLY C 73 -16.46 11.36 -20.52
N SER C 74 -16.66 11.48 -19.22
CA SER C 74 -15.56 11.73 -18.32
C SER C 74 -14.58 10.56 -18.31
N TYR C 75 -13.31 10.89 -18.22
CA TYR C 75 -12.24 9.92 -17.97
C TYR C 75 -11.90 10.04 -16.50
N ASN C 76 -12.49 9.21 -15.68
CA ASN C 76 -12.30 9.26 -14.23
C ASN C 76 -11.29 8.20 -13.85
N ASP C 77 -10.11 8.63 -13.46
CA ASP C 77 -9.00 7.73 -13.12
C ASP C 77 -8.55 8.09 -11.72
N PHE C 78 -8.92 7.27 -10.75
CA PHE C 78 -8.53 7.58 -9.37
C PHE C 78 -8.36 6.26 -8.64
N GLY C 79 -7.17 5.68 -8.73
CA GLY C 79 -6.87 4.45 -8.05
C GLY C 79 -5.87 4.71 -6.94
N ASN C 80 -5.60 3.66 -6.19
CA ASN C 80 -4.62 3.72 -5.12
C ASN C 80 -3.47 2.82 -5.50
N TYR C 81 -2.30 3.42 -5.67
CA TYR C 81 -1.10 2.69 -6.07
C TYR C 81 -0.10 2.79 -4.93
N ASN C 82 0.31 1.64 -4.43
CA ASN C 82 1.18 1.57 -3.26
C ASN C 82 2.44 0.79 -3.61
N ASN C 83 3.58 1.30 -3.18
CA ASN C 83 4.84 0.59 -3.33
C ASN C 83 5.58 0.64 -2.01
N GLN C 84 5.93 -0.51 -1.47
CA GLN C 84 6.60 -0.59 -0.18
C GLN C 84 7.75 -1.57 -0.24
N SER C 85 8.88 -1.17 0.32
CA SER C 85 10.05 -2.03 0.39
C SER C 85 10.71 -1.83 1.74
N SER C 86 10.68 -2.86 2.57
CA SER C 86 11.39 -2.82 3.84
C SER C 86 12.58 -3.76 3.76
N ASN C 87 13.66 -3.40 4.46
CA ASN C 87 14.88 -4.16 4.32
C ASN C 87 15.76 -4.01 5.55
N PHE C 88 16.36 -5.10 5.97
CA PHE C 88 17.31 -5.11 7.08
C PHE C 88 18.66 -5.46 6.47
N GLY C 89 19.55 -4.49 6.40
CA GLY C 89 20.87 -4.77 5.91
C GLY C 89 21.35 -3.80 4.88
N PRO C 90 22.43 -4.15 4.18
CA PRO C 90 23.02 -3.24 3.19
C PRO C 90 22.12 -3.15 1.96
N MET C 91 21.60 -1.95 1.71
CA MET C 91 20.68 -1.70 0.62
C MET C 91 21.41 -0.87 -0.44
N LYS C 92 21.72 -1.49 -1.57
CA LYS C 92 22.33 -0.79 -2.69
C LYS C 92 21.45 -0.77 -3.93
N GLY C 93 20.38 -1.54 -3.97
CA GLY C 93 19.54 -1.65 -5.15
C GLY C 93 18.65 -0.45 -5.33
N GLY C 94 17.41 -0.73 -5.73
CA GLY C 94 16.45 0.32 -6.00
C GLY C 94 15.03 -0.11 -5.66
N ASN C 95 14.25 0.85 -5.18
CA ASN C 95 12.83 0.68 -4.96
C ASN C 95 12.14 1.77 -5.75
N PHE C 96 11.25 1.39 -6.65
CA PHE C 96 10.75 2.28 -7.69
C PHE C 96 9.24 2.45 -7.56
N GLY C 97 8.81 3.67 -7.26
CA GLY C 97 7.41 4.00 -7.18
C GLY C 97 7.16 5.36 -7.80
N GLY C 98 5.95 5.87 -7.60
CA GLY C 98 5.53 7.09 -8.24
C GLY C 98 4.84 6.78 -9.55
N ARG C 99 4.19 7.78 -10.13
CA ARG C 99 3.33 7.47 -11.26
C ARG C 99 4.17 7.28 -12.52
N SER C 100 5.02 8.25 -12.85
CA SER C 100 5.94 8.13 -13.97
C SER C 100 5.20 7.95 -15.30
N SER C 101 4.50 9.00 -15.72
CA SER C 101 3.65 8.94 -16.91
C SER C 101 4.36 9.41 -18.17
N GLY C 102 5.65 9.17 -18.28
CA GLY C 102 6.40 9.62 -19.44
C GLY C 102 7.33 8.56 -20.00
N PRO C 103 7.83 8.78 -21.22
CA PRO C 103 8.75 7.82 -21.82
C PRO C 103 10.02 7.67 -21.01
N TYR C 104 10.41 6.42 -20.77
CA TYR C 104 11.54 6.09 -19.89
C TYR C 104 11.36 6.74 -18.53
N GLY C 105 10.11 6.80 -18.08
CA GLY C 105 9.79 7.46 -16.85
C GLY C 105 10.18 6.64 -15.63
N GLY C 106 10.35 7.34 -14.52
CA GLY C 106 10.79 6.72 -13.29
C GLY C 106 12.29 6.86 -13.13
N GLY C 107 12.72 7.53 -12.07
CA GLY C 107 14.14 7.68 -11.85
C GLY C 107 14.83 6.35 -11.70
N GLY C 108 15.94 6.17 -12.39
CA GLY C 108 16.67 4.93 -12.26
C GLY C 108 18.16 5.15 -12.30
N GLN C 109 18.88 4.31 -13.04
CA GLN C 109 20.29 4.52 -13.27
C GLN C 109 20.57 5.16 -14.62
N TYR C 110 19.87 4.72 -15.65
CA TYR C 110 20.04 5.24 -17.01
C TYR C 110 21.48 5.16 -17.47
N GLY D 66 31.01 -12.49 6.35
CA GLY D 66 30.68 -13.29 7.52
C GLY D 66 29.63 -12.64 8.39
N SER D 67 28.68 -11.96 7.74
CA SER D 67 27.69 -11.18 8.46
C SER D 67 26.64 -12.08 9.08
N ASN D 68 25.98 -11.55 10.11
CA ASN D 68 24.97 -12.25 10.89
C ASN D 68 23.68 -11.46 10.76
N PHE D 69 22.84 -11.84 9.80
CA PHE D 69 21.57 -11.15 9.60
C PHE D 69 20.53 -11.76 10.53
N GLY D 70 20.40 -11.17 11.71
CA GLY D 70 19.39 -11.61 12.65
C GLY D 70 19.52 -13.04 13.10
N GLY D 71 20.75 -13.51 13.32
CA GLY D 71 20.96 -14.87 13.79
C GLY D 71 21.01 -14.95 15.30
N GLY D 72 20.96 -16.17 15.80
CA GLY D 72 20.96 -16.37 17.23
C GLY D 72 19.56 -16.58 17.76
N GLY D 73 19.14 -15.72 18.68
CA GLY D 73 17.81 -15.83 19.24
C GLY D 73 16.91 -14.73 18.76
N SER D 74 17.22 -14.16 17.60
CA SER D 74 16.45 -13.05 17.07
C SER D 74 15.03 -13.48 16.77
N TYR D 75 14.09 -12.58 17.02
CA TYR D 75 12.71 -12.73 16.59
C TYR D 75 12.58 -11.83 15.38
N ASN D 76 12.72 -12.40 14.19
CA ASN D 76 12.68 -11.65 12.95
C ASN D 76 11.31 -11.81 12.33
N ASP D 77 10.52 -10.75 12.35
CA ASP D 77 9.14 -10.77 11.87
C ASP D 77 9.03 -9.68 10.83
N PHE D 78 9.00 -10.06 9.56
CA PHE D 78 8.89 -9.04 8.51
C PHE D 78 8.14 -9.67 7.33
N GLY D 79 6.82 -9.58 7.39
CA GLY D 79 5.98 -10.08 6.33
C GLY D 79 5.34 -8.93 5.59
N ASN D 80 4.61 -9.28 4.55
CA ASN D 80 3.87 -8.31 3.77
C ASN D 80 2.41 -8.61 3.95
N TYR D 81 1.68 -7.67 4.52
CA TYR D 81 0.26 -7.82 4.79
C TYR D 81 -0.48 -6.79 3.98
N ASN D 82 -1.37 -7.24 3.12
CA ASN D 82 -2.08 -6.39 2.20
C ASN D 82 -3.58 -6.54 2.40
N ASN D 83 -4.28 -5.42 2.40
CA ASN D 83 -5.73 -5.42 2.45
C ASN D 83 -6.26 -4.46 1.41
N GLN D 84 -7.12 -4.94 0.53
CA GLN D 84 -7.63 -4.13 -0.57
C GLN D 84 -9.12 -4.35 -0.70
N SER D 85 -9.86 -3.26 -0.87
CA SER D 85 -11.30 -3.34 -1.09
C SER D 85 -11.68 -2.29 -2.12
N SER D 86 -12.12 -2.73 -3.28
CA SER D 86 -12.63 -1.83 -4.30
C SER D 86 -14.13 -2.00 -4.41
N ASN D 87 -14.83 -0.92 -4.72
CA ASN D 87 -16.28 -0.98 -4.69
C ASN D 87 -16.88 0.08 -5.58
N PHE D 88 -17.93 -0.28 -6.30
CA PHE D 88 -18.67 0.63 -7.16
C PHE D 88 -20.05 0.76 -6.52
N GLY D 89 -20.34 1.90 -5.92
CA GLY D 89 -21.65 2.11 -5.38
C GLY D 89 -21.64 2.64 -3.97
N PRO D 90 -22.79 2.58 -3.32
CA PRO D 90 -22.90 3.14 -1.96
C PRO D 90 -22.17 2.25 -0.96
N MET D 91 -21.14 2.81 -0.35
CA MET D 91 -20.30 2.09 0.60
C MET D 91 -20.56 2.63 1.99
N LYS D 92 -21.23 1.82 2.81
CA LYS D 92 -21.48 2.16 4.20
C LYS D 92 -20.78 1.23 5.18
N GLY D 93 -20.25 0.11 4.73
CA GLY D 93 -19.66 -0.87 5.62
C GLY D 93 -18.30 -0.48 6.13
N GLY D 94 -17.40 -1.45 6.17
CA GLY D 94 -16.06 -1.22 6.67
C GLY D 94 -15.03 -2.08 5.96
N ASN D 95 -13.85 -1.51 5.78
CA ASN D 95 -12.69 -2.23 5.28
C ASN D 95 -11.59 -2.06 6.32
N PHE D 96 -11.09 -3.17 6.83
CA PHE D 96 -10.27 -3.16 8.04
C PHE D 96 -8.88 -3.71 7.74
N GLY D 97 -7.88 -2.84 7.89
CA GLY D 97 -6.49 -3.23 7.72
C GLY D 97 -5.64 -2.56 8.78
N GLY D 98 -4.33 -2.66 8.60
CA GLY D 98 -3.40 -2.20 9.61
C GLY D 98 -3.05 -3.34 10.55
N ARG D 99 -2.02 -3.13 11.37
CA ARG D 99 -1.51 -4.26 12.12
C ARG D 99 -2.41 -4.56 13.31
N SER D 100 -2.68 -3.54 14.13
CA SER D 100 -3.61 -3.68 15.25
C SER D 100 -3.14 -4.73 16.25
N SER D 101 -2.04 -4.45 16.94
CA SER D 101 -1.42 -5.41 17.84
C SER D 101 -1.88 -5.25 19.29
N GLY D 102 -3.13 -4.86 19.51
CA GLY D 102 -3.61 -4.66 20.85
C GLY D 102 -4.98 -5.27 21.09
N PRO D 103 -5.39 -5.38 22.36
CA PRO D 103 -6.71 -5.94 22.67
C PRO D 103 -7.82 -5.09 22.09
N TYR D 104 -8.76 -5.76 21.43
CA TYR D 104 -9.84 -5.10 20.70
C TYR D 104 -9.28 -4.11 19.69
N GLY D 105 -8.14 -4.46 19.11
CA GLY D 105 -7.45 -3.58 18.20
C GLY D 105 -8.12 -3.50 16.85
N GLY D 106 -7.83 -2.41 16.16
CA GLY D 106 -8.44 -2.14 14.88
C GLY D 106 -9.66 -1.26 15.03
N GLY D 107 -9.63 -0.08 14.41
CA GLY D 107 -10.76 0.81 14.50
C GLY D 107 -12.02 0.18 13.95
N GLY D 108 -13.12 0.28 14.69
CA GLY D 108 -14.35 -0.27 14.20
C GLY D 108 -15.53 0.60 14.57
N GLN D 109 -16.62 -0.02 15.00
CA GLN D 109 -17.75 0.73 15.54
C GLN D 109 -17.76 0.77 17.05
N TYR D 110 -17.45 -0.35 17.69
CA TYR D 110 -17.42 -0.45 19.15
C TYR D 110 -18.73 -0.02 19.78
N GLY E 66 31.87 -8.00 8.55
CA GLY E 66 31.50 -8.77 9.72
C GLY E 66 30.43 -8.10 10.55
N SER E 67 29.51 -7.44 9.86
CA SER E 67 28.50 -6.63 10.53
C SER E 67 27.42 -7.51 11.14
N ASN E 68 26.74 -6.96 12.13
CA ASN E 68 25.70 -7.64 12.89
C ASN E 68 24.41 -6.85 12.70
N PHE E 69 23.60 -7.24 11.73
CA PHE E 69 22.34 -6.55 11.47
C PHE E 69 21.28 -7.14 12.38
N GLY E 70 21.11 -6.53 13.55
CA GLY E 70 20.06 -6.94 14.46
C GLY E 70 20.17 -8.38 14.93
N GLY E 71 21.39 -8.84 15.21
CA GLY E 71 21.58 -10.19 15.71
C GLY E 71 21.59 -10.23 17.21
N GLY E 72 21.50 -11.46 17.74
CA GLY E 72 21.46 -11.63 19.17
C GLY E 72 20.05 -11.82 19.67
N GLY E 73 19.60 -10.94 20.55
CA GLY E 73 18.25 -11.04 21.07
C GLY E 73 17.38 -9.94 20.54
N SER E 74 17.73 -9.40 19.39
CA SER E 74 16.98 -8.30 18.81
C SER E 74 15.57 -8.72 18.47
N TYR E 75 14.63 -7.81 18.68
CA TYR E 75 13.27 -7.96 18.20
C TYR E 75 13.17 -7.07 16.96
N ASN E 76 13.35 -7.67 15.80
CA ASN E 76 13.35 -6.95 14.55
C ASN E 76 11.99 -7.12 13.89
N ASP E 77 11.22 -6.05 13.86
CA ASP E 77 9.85 -6.07 13.35
C ASP E 77 9.78 -4.99 12.28
N PHE E 78 9.79 -5.40 11.01
CA PHE E 78 9.72 -4.40 9.94
C PHE E 78 9.01 -5.05 8.76
N GLY E 79 7.69 -4.95 8.76
CA GLY E 79 6.87 -5.47 7.69
C GLY E 79 6.26 -4.33 6.91
N ASN E 80 5.57 -4.70 5.86
CA ASN E 80 4.86 -3.73 5.03
C ASN E 80 3.38 -4.02 5.17
N TYR E 81 2.65 -3.07 5.70
CA TYR E 81 1.22 -3.21 5.94
C TYR E 81 0.51 -2.19 5.07
N ASN E 82 -0.36 -2.66 4.20
CA ASN E 82 -1.04 -1.81 3.23
C ASN E 82 -2.54 -1.96 3.39
N ASN E 83 -3.24 -0.83 3.35
CA ASN E 83 -4.69 -0.82 3.36
C ASN E 83 -5.18 0.12 2.28
N GLN E 84 -6.01 -0.38 1.37
CA GLN E 84 -6.48 0.42 0.26
C GLN E 84 -7.97 0.20 0.07
N SER E 85 -8.69 1.28 -0.14
CA SER E 85 -10.12 1.22 -0.41
C SER E 85 -10.46 2.24 -1.46
N SER E 86 -10.87 1.79 -2.63
CA SER E 86 -11.34 2.67 -3.68
C SER E 86 -12.83 2.50 -3.83
N ASN E 87 -13.53 3.58 -4.19
CA ASN E 87 -14.97 3.53 -4.19
C ASN E 87 -15.54 4.57 -5.13
N PHE E 88 -16.57 4.20 -5.88
CA PHE E 88 -17.28 5.11 -6.77
C PHE E 88 -18.67 5.24 -6.19
N GLY E 89 -18.98 6.40 -5.61
CA GLY E 89 -20.31 6.63 -5.13
C GLY E 89 -20.34 7.19 -3.73
N PRO E 90 -21.52 7.15 -3.10
CA PRO E 90 -21.66 7.72 -1.76
C PRO E 90 -20.97 6.86 -0.73
N MET E 91 -19.96 7.43 -0.08
CA MET E 91 -19.14 6.72 0.89
C MET E 91 -19.46 7.28 2.27
N LYS E 92 -20.14 6.49 3.09
CA LYS E 92 -20.43 6.86 4.46
C LYS E 92 -19.78 5.96 5.48
N GLY E 93 -19.24 4.82 5.07
CA GLY E 93 -18.69 3.84 5.99
C GLY E 93 -17.34 4.24 6.53
N GLY E 94 -16.44 3.27 6.62
CA GLY E 94 -15.12 3.50 7.15
C GLY E 94 -14.08 2.62 6.51
N ASN E 95 -12.88 3.18 6.34
CA ASN E 95 -11.71 2.45 5.90
C ASN E 95 -10.65 2.63 6.96
N PHE E 96 -10.16 1.53 7.52
CA PHE E 96 -9.39 1.55 8.75
C PHE E 96 -7.99 1.00 8.51
N GLY E 97 -6.98 1.86 8.67
CA GLY E 97 -5.60 1.47 8.55
C GLY E 97 -4.77 2.15 9.63
N GLY E 98 -3.46 2.04 9.50
CA GLY E 98 -2.56 2.51 10.53
C GLY E 98 -2.24 1.39 11.49
N ARG E 99 -1.24 1.61 12.34
CA ARG E 99 -0.77 0.49 13.13
C ARG E 99 -1.71 0.23 14.30
N SER E 100 -1.99 1.25 15.09
CA SER E 100 -2.96 1.14 16.18
C SER E 100 -2.53 0.10 17.22
N SER E 101 -1.45 0.39 17.93
CA SER E 101 -0.86 -0.55 18.87
C SER E 101 -1.36 -0.36 20.30
N GLY E 102 -2.62 0.04 20.48
CA GLY E 102 -3.15 0.27 21.80
C GLY E 102 -4.53 -0.33 22.00
N PRO E 103 -4.97 -0.42 23.25
CA PRO E 103 -6.30 -0.96 23.53
C PRO E 103 -7.39 -0.12 22.90
N TYR E 104 -8.32 -0.81 22.23
CA TYR E 104 -9.37 -0.15 21.45
C TYR E 104 -8.77 0.82 20.44
N GLY E 105 -7.61 0.45 19.91
CA GLY E 105 -6.89 1.32 19.01
C GLY E 105 -7.51 1.37 17.63
N GLY E 106 -7.21 2.45 16.92
CA GLY E 106 -7.77 2.70 15.62
C GLY E 106 -8.99 3.58 15.72
N GLY E 107 -8.94 4.75 15.08
CA GLY E 107 -10.07 5.65 15.13
C GLY E 107 -11.30 5.02 14.55
N GLY E 108 -12.42 5.14 15.23
CA GLY E 108 -13.65 4.59 14.72
C GLY E 108 -14.84 5.46 15.03
N GLN E 109 -15.93 4.86 15.45
CA GLN E 109 -17.08 5.62 15.93
C GLN E 109 -17.13 5.69 17.44
N TYR E 110 -16.85 4.58 18.12
CA TYR E 110 -16.86 4.50 19.58
C TYR E 110 -18.21 4.95 20.16
N GLY F 66 32.79 -3.69 10.70
CA GLY F 66 32.38 -4.45 11.87
C GLY F 66 31.29 -3.77 12.66
N SER F 67 30.40 -3.10 11.93
CA SER F 67 29.37 -2.28 12.55
C SER F 67 28.27 -3.15 13.15
N ASN F 68 27.55 -2.57 14.11
CA ASN F 68 26.48 -3.24 14.84
C ASN F 68 25.22 -2.44 14.60
N PHE F 69 24.44 -2.84 13.61
CA PHE F 69 23.19 -2.16 13.30
C PHE F 69 22.09 -2.72 14.19
N GLY F 70 21.90 -2.09 15.34
CA GLY F 70 20.81 -2.49 16.22
C GLY F 70 20.90 -3.91 16.73
N GLY F 71 22.10 -4.38 17.05
CA GLY F 71 22.28 -5.72 17.57
C GLY F 71 22.24 -5.75 19.08
N GLY F 72 22.13 -6.95 19.61
CA GLY F 72 22.04 -7.10 21.05
C GLY F 72 20.60 -7.27 21.50
N GLY F 73 20.14 -6.39 22.36
CA GLY F 73 18.77 -6.47 22.83
C GLY F 73 17.92 -5.36 22.27
N SER F 74 18.32 -4.85 21.11
CA SER F 74 17.59 -3.75 20.50
C SER F 74 16.19 -4.17 20.11
N TYR F 75 15.25 -3.25 20.28
CA TYR F 75 13.90 -3.39 19.76
C TYR F 75 13.84 -2.54 18.51
N ASN F 76 14.06 -3.16 17.36
CA ASN F 76 14.10 -2.44 16.10
C ASN F 76 12.76 -2.62 15.40
N ASP F 77 12.00 -1.55 15.33
CA ASP F 77 10.65 -1.57 14.78
C ASP F 77 10.61 -0.51 13.68
N PHE F 78 10.66 -0.93 12.43
CA PHE F 78 10.64 0.04 11.34
C PHE F 78 9.95 -0.61 10.15
N GLY F 79 8.63 -0.50 10.12
CA GLY F 79 7.86 -1.04 9.03
C GLY F 79 7.27 0.09 8.21
N ASN F 80 6.61 -0.29 7.14
CA ASN F 80 5.93 0.67 6.28
C ASN F 80 4.45 0.39 6.37
N TYR F 81 3.71 1.35 6.87
CA TYR F 81 2.27 1.22 7.06
C TYR F 81 1.60 2.23 6.15
N ASN F 82 0.75 1.75 5.27
CA ASN F 82 0.11 2.58 4.27
C ASN F 82 -1.40 2.46 4.38
N ASN F 83 -2.08 3.60 4.30
CA ASN F 83 -3.54 3.60 4.26
C ASN F 83 -3.99 4.54 3.15
N GLN F 84 -4.79 4.02 2.23
CA GLN F 84 -5.23 4.80 1.09
C GLN F 84 -6.71 4.59 0.86
N SER F 85 -7.43 5.68 0.61
CA SER F 85 -8.85 5.62 0.30
C SER F 85 -9.15 6.63 -0.78
N SER F 86 -9.52 6.16 -1.96
CA SER F 86 -9.95 7.03 -3.03
C SER F 86 -11.45 6.87 -3.22
N ASN F 87 -12.11 7.95 -3.62
CA ASN F 87 -13.56 7.90 -3.67
C ASN F 87 -14.09 8.94 -4.64
N PHE F 88 -15.09 8.56 -5.42
CA PHE F 88 -15.78 9.45 -6.34
C PHE F 88 -17.18 9.61 -5.81
N GLY F 89 -17.49 10.77 -5.26
CA GLY F 89 -18.84 11.01 -4.82
C GLY F 89 -18.91 11.59 -3.43
N PRO F 90 -20.10 11.58 -2.84
CA PRO F 90 -20.29 12.18 -1.51
C PRO F 90 -19.64 11.32 -0.45
N MET F 91 -18.64 11.88 0.23
CA MET F 91 -17.86 11.20 1.23
C MET F 91 -18.22 11.78 2.59
N LYS F 92 -18.93 11.00 3.40
CA LYS F 92 -19.26 11.40 4.76
C LYS F 92 -18.65 10.50 5.81
N GLY F 93 -18.10 9.35 5.43
CA GLY F 93 -17.58 8.39 6.39
C GLY F 93 -16.25 8.79 6.96
N GLY F 94 -15.37 7.82 7.09
CA GLY F 94 -14.06 8.05 7.66
C GLY F 94 -13.00 7.15 7.05
N ASN F 95 -11.80 7.71 6.93
CA ASN F 95 -10.62 6.97 6.53
C ASN F 95 -9.59 7.15 7.63
N PHE F 96 -9.13 6.05 8.22
CA PHE F 96 -8.39 6.10 9.47
C PHE F 96 -6.99 5.53 9.28
N GLY F 97 -5.99 6.39 9.46
CA GLY F 97 -4.61 5.98 9.39
C GLY F 97 -3.80 6.68 10.48
N GLY F 98 -2.49 6.56 10.39
CA GLY F 98 -1.62 7.03 11.44
C GLY F 98 -1.34 5.93 12.44
N ARG F 99 -0.36 6.16 13.31
CA ARG F 99 0.08 5.05 14.13
C ARG F 99 -0.89 4.81 15.27
N SER F 100 -1.20 5.85 16.04
CA SER F 100 -2.19 5.75 17.11
C SER F 100 -1.80 4.73 18.17
N SER F 101 -0.75 5.03 18.91
CA SER F 101 -0.20 4.10 19.89
C SER F 101 -0.74 4.31 21.29
N GLY F 102 -2.00 4.71 21.42
CA GLY F 102 -2.58 4.97 22.72
C GLY F 102 -3.96 4.38 22.89
N PRO F 103 -4.43 4.32 24.13
CA PRO F 103 -5.78 3.79 24.38
C PRO F 103 -6.85 4.62 23.69
N TYR F 104 -7.76 3.94 23.00
CA TYR F 104 -8.78 4.58 22.19
C TYR F 104 -8.14 5.54 21.18
N GLY F 105 -6.98 5.15 20.69
CA GLY F 105 -6.21 6.00 19.80
C GLY F 105 -6.80 6.03 18.41
N GLY F 106 -6.46 7.11 17.69
CA GLY F 106 -6.99 7.32 16.37
C GLY F 106 -8.20 8.23 16.41
N GLY F 107 -8.12 9.38 15.76
CA GLY F 107 -9.23 10.29 15.76
C GLY F 107 -10.46 9.66 15.15
N GLY F 108 -11.60 9.79 15.80
CA GLY F 108 -12.81 9.24 15.25
C GLY F 108 -14.01 10.13 15.52
N GLN F 109 -15.12 9.54 15.91
CA GLN F 109 -16.27 10.32 16.34
C GLN F 109 -16.38 10.41 17.86
N TYR F 110 -16.12 9.31 18.56
CA TYR F 110 -16.19 9.25 20.01
C TYR F 110 -17.54 9.72 20.54
#